data_7I9W
#
_entry.id   7I9W
#
_cell.length_a   42.495
_cell.length_b   42.495
_cell.length_c   217.174
_cell.angle_alpha   90.000
_cell.angle_beta   90.000
_cell.angle_gamma   90.000
#
_symmetry.space_group_name_H-M   'P 43 2 2'
#
loop_
_entity.id
_entity.type
_entity.pdbx_description
1 polymer 'Serine protease subunit NS2B'
2 polymer 'Serine protease NS3'
3 non-polymer 'DIMETHYL SULFOXIDE'
4 non-polymer N-(2,3-dihydro-1H-isoindol-5-yl)-6-fluoro-1H-indazole-4-carboxamide
5 water water
#
loop_
_entity_poly.entity_id
_entity_poly.type
_entity_poly.pdbx_seq_one_letter_code
_entity_poly.pdbx_strand_id
1 'polypeptide(L)' SMGKSVDMYIERAGDITWEKDAEVTGNSPRLDVALDESGDFSLVEE A
2 'polypeptide(L)'
;MKEVKKGETTDGVYRVMTRRLLGSTQVGVGVMQEGVFHTMWHVTKGAALRSGEGRLDPYWGDVKQDLVSYCGPWKLDAAW
DGLSEVQLLAVPPGERAKNIQTLPGIFKTKDGDIGAVALDYPAGTSGSPILDKCGRVIGLYGNGVVIKNGSYVSAITQGK
REEETPVE
;
B
#
loop_
_chem_comp.id
_chem_comp.type
_chem_comp.name
_chem_comp.formula
A1B9F non-polymer N-(2,3-dihydro-1H-isoindol-5-yl)-6-fluoro-1H-indazole-4-carboxamide 'C16 H13 F N4 O'
DMS non-polymer 'DIMETHYL SULFOXIDE' 'C2 H6 O S'
#
# COMPACT_ATOMS: atom_id res chain seq x y z
N ASP A 7 0.14 15.07 -15.17
CA ASP A 7 -0.44 13.77 -15.49
C ASP A 7 0.41 12.65 -14.89
N MET A 8 -0.23 11.79 -14.08
CA MET A 8 0.46 10.68 -13.46
C MET A 8 0.63 9.49 -14.40
N TYR A 9 1.72 8.75 -14.23
CA TYR A 9 2.05 7.58 -15.04
C TYR A 9 2.65 6.46 -14.22
N ILE A 10 2.64 5.22 -14.76
CA ILE A 10 3.15 4.08 -14.03
C ILE A 10 4.28 3.35 -14.76
N GLU A 11 5.20 2.77 -13.98
CA GLU A 11 6.35 2.01 -14.49
C GLU A 11 6.49 0.76 -13.63
N ARG A 12 6.72 -0.41 -14.25
CA ARG A 12 6.87 -1.64 -13.48
C ARG A 12 8.09 -1.59 -12.59
N ALA A 13 7.91 -2.02 -11.32
CA ALA A 13 8.97 -2.01 -10.32
C ALA A 13 9.46 -3.41 -9.90
N GLY A 14 8.69 -4.46 -10.23
CA GLY A 14 9.10 -5.83 -9.92
C GLY A 14 7.94 -6.79 -9.81
N ASP A 15 8.23 -8.04 -9.39
CA ASP A 15 7.22 -9.09 -9.20
C ASP A 15 6.74 -9.11 -7.75
N ILE A 16 5.55 -9.67 -7.52
CA ILE A 16 5.05 -9.82 -6.15
C ILE A 16 5.31 -11.25 -5.71
N THR A 17 6.44 -11.45 -5.00
N THR A 17 6.41 -11.45 -4.98
CA THR A 17 6.86 -12.75 -4.49
CA THR A 17 6.83 -12.77 -4.51
C THR A 17 7.34 -12.65 -3.05
C THR A 17 7.43 -12.69 -3.09
N TRP A 18 7.15 -13.71 -2.27
CA TRP A 18 7.68 -13.77 -0.92
C TRP A 18 9.16 -14.17 -1.09
N GLU A 19 10.08 -13.44 -0.46
CA GLU A 19 11.50 -13.76 -0.52
C GLU A 19 11.91 -14.44 0.78
N LYS A 20 12.54 -15.63 0.68
CA LYS A 20 13.04 -16.30 1.88
C LYS A 20 14.37 -15.67 2.24
N ASP A 21 14.68 -15.60 3.54
CA ASP A 21 15.94 -14.99 3.99
C ASP A 21 15.96 -13.49 3.63
N ALA A 22 14.83 -12.82 3.79
CA ALA A 22 14.74 -11.39 3.58
C ALA A 22 15.11 -10.69 4.91
N GLU A 23 15.47 -9.40 4.87
CA GLU A 23 15.83 -8.66 6.08
C GLU A 23 14.62 -8.53 7.03
N VAL A 24 14.67 -9.20 8.20
CA VAL A 24 13.61 -9.21 9.21
C VAL A 24 13.80 -8.08 10.21
N THR A 25 12.99 -7.02 10.15
CA THR A 25 13.09 -5.90 11.10
C THR A 25 11.69 -5.42 11.51
N GLY A 26 11.61 -4.52 12.48
CA GLY A 26 10.34 -3.96 12.90
C GLY A 26 9.68 -4.61 14.09
N ASN A 27 8.95 -3.81 14.86
CA ASN A 27 8.26 -4.28 16.05
C ASN A 27 6.73 -4.46 15.83
N SER A 28 5.99 -5.01 16.82
CA SER A 28 4.55 -5.27 16.72
C SER A 28 3.80 -4.55 17.84
N PRO A 29 3.52 -3.26 17.66
CA PRO A 29 2.86 -2.51 18.75
C PRO A 29 1.33 -2.53 18.74
N ARG A 30 0.69 -2.46 19.92
CA ARG A 30 -0.77 -2.38 19.99
C ARG A 30 -1.16 -0.94 20.28
N LEU A 31 -1.72 -0.24 19.29
CA LEU A 31 -2.06 1.17 19.44
C LEU A 31 -3.56 1.43 19.36
N ASP A 32 -4.07 2.39 20.16
CA ASP A 32 -5.47 2.79 20.16
C ASP A 32 -5.65 3.91 19.13
N VAL A 33 -6.36 3.66 18.01
CA VAL A 33 -6.51 4.67 16.96
C VAL A 33 -7.99 5.03 16.66
N ALA A 34 -8.18 6.17 15.96
CA ALA A 34 -9.48 6.64 15.50
C ALA A 34 -9.36 6.98 14.02
N LEU A 35 -10.37 6.60 13.24
CA LEU A 35 -10.38 6.87 11.81
C LEU A 35 -11.51 7.84 11.49
N ASP A 36 -11.17 8.99 10.91
CA ASP A 36 -12.16 10.00 10.60
C ASP A 36 -12.72 9.85 9.15
N GLU A 37 -13.78 10.62 8.83
CA GLU A 37 -14.43 10.60 7.53
C GLU A 37 -13.47 10.93 6.37
N SER A 38 -12.28 11.48 6.65
CA SER A 38 -11.31 11.80 5.60
C SER A 38 -10.26 10.69 5.40
N GLY A 39 -10.45 9.52 6.02
CA GLY A 39 -9.52 8.41 5.91
C GLY A 39 -8.24 8.65 6.67
N ASP A 40 -8.28 9.50 7.71
CA ASP A 40 -7.11 9.81 8.51
C ASP A 40 -7.14 9.16 9.88
N PHE A 41 -6.05 8.49 10.23
CA PHE A 41 -5.91 7.88 11.55
C PHE A 41 -5.33 8.90 12.53
N SER A 42 -5.62 8.72 13.80
CA SER A 42 -5.09 9.55 14.87
C SER A 42 -4.97 8.70 16.10
N LEU A 43 -3.94 8.93 16.94
CA LEU A 43 -3.80 8.16 18.16
C LEU A 43 -4.74 8.63 19.24
N VAL A 44 -5.34 7.68 19.93
CA VAL A 44 -6.21 7.87 21.10
C VAL A 44 -5.37 7.52 22.33
N GLU A 45 -5.53 8.28 23.42
CA GLU A 45 -4.77 7.99 24.64
C GLU A 45 -5.68 7.90 25.88
N GLY B 7 -1.61 0.05 -21.91
CA GLY B 7 -0.24 -0.22 -22.32
C GLY B 7 0.35 -1.45 -21.64
N GLU B 8 0.96 -1.27 -20.45
CA GLU B 8 1.53 -2.42 -19.73
C GLU B 8 0.52 -2.94 -18.70
N THR B 9 -0.04 -4.11 -18.96
N THR B 9 -0.04 -4.11 -18.96
CA THR B 9 -1.02 -4.70 -18.03
CA THR B 9 -1.02 -4.74 -18.08
C THR B 9 -0.50 -5.95 -17.30
C THR B 9 -0.51 -5.99 -17.36
N THR B 10 0.82 -6.18 -17.31
CA THR B 10 1.41 -7.36 -16.66
C THR B 10 1.26 -7.30 -15.14
N ASP B 11 0.83 -8.42 -14.52
CA ASP B 11 0.70 -8.55 -13.07
C ASP B 11 2.04 -8.19 -12.40
N GLY B 12 2.02 -7.44 -11.29
CA GLY B 12 3.23 -7.05 -10.60
C GLY B 12 3.11 -5.75 -9.82
N VAL B 13 4.23 -5.28 -9.23
CA VAL B 13 4.21 -4.02 -8.48
C VAL B 13 4.70 -2.88 -9.39
N TYR B 14 4.07 -1.69 -9.31
CA TYR B 14 4.39 -0.54 -10.15
C TYR B 14 4.62 0.73 -9.35
N ARG B 15 5.43 1.63 -9.88
CA ARG B 15 5.64 2.95 -9.31
C ARG B 15 4.64 3.91 -9.93
N VAL B 16 4.13 4.85 -9.14
CA VAL B 16 3.22 5.90 -9.58
C VAL B 16 4.07 7.18 -9.56
N MET B 17 4.26 7.79 -10.72
CA MET B 17 5.13 8.95 -10.90
C MET B 17 4.38 10.18 -11.42
N THR B 18 5.01 11.38 -11.36
CA THR B 18 4.45 12.61 -11.91
C THR B 18 5.54 13.58 -12.42
N ARG B 19 5.25 14.26 -13.53
CA ARG B 19 6.17 15.24 -14.08
C ARG B 19 5.71 16.69 -13.82
N ARG B 20 4.79 16.91 -12.84
CA ARG B 20 4.26 18.23 -12.52
C ARG B 20 5.25 19.05 -11.65
N LEU B 21 5.95 18.37 -10.73
CA LEU B 21 6.94 18.97 -9.86
C LEU B 21 8.32 19.02 -10.59
N LEU B 22 9.44 19.20 -9.85
CA LEU B 22 10.77 19.24 -10.44
C LEU B 22 11.13 17.82 -10.87
N GLY B 23 11.52 17.66 -12.15
CA GLY B 23 11.83 16.36 -12.73
C GLY B 23 10.70 15.35 -12.60
N SER B 24 11.05 14.07 -12.46
CA SER B 24 10.06 13.00 -12.25
C SER B 24 10.01 12.70 -10.76
N THR B 25 8.85 12.88 -10.14
CA THR B 25 8.70 12.65 -8.70
C THR B 25 7.79 11.45 -8.41
N GLN B 26 8.26 10.46 -7.65
CA GLN B 26 7.41 9.31 -7.29
C GLN B 26 6.39 9.76 -6.25
N VAL B 27 5.09 9.58 -6.53
CA VAL B 27 4.03 9.96 -5.59
C VAL B 27 3.52 8.76 -4.75
N GLY B 28 3.63 7.57 -5.31
CA GLY B 28 3.19 6.35 -4.67
C GLY B 28 3.58 5.13 -5.47
N VAL B 29 2.95 4.00 -5.13
CA VAL B 29 3.16 2.64 -5.65
C VAL B 29 1.76 1.97 -5.78
N GLY B 30 1.64 0.91 -6.57
CA GLY B 30 0.38 0.20 -6.71
C GLY B 30 0.54 -1.21 -7.27
N VAL B 31 -0.49 -2.05 -7.11
CA VAL B 31 -0.46 -3.45 -7.56
C VAL B 31 -1.30 -3.71 -8.79
N MET B 32 -0.71 -4.25 -9.84
CA MET B 32 -1.46 -4.67 -11.02
C MET B 32 -1.80 -6.16 -10.81
N GLN B 33 -3.09 -6.51 -10.81
CA GLN B 33 -3.50 -7.91 -10.66
C GLN B 33 -4.81 -8.12 -11.39
N GLU B 34 -4.89 -9.13 -12.27
CA GLU B 34 -6.12 -9.41 -13.03
C GLU B 34 -6.61 -8.21 -13.89
N GLY B 35 -5.67 -7.45 -14.44
CA GLY B 35 -5.98 -6.31 -15.28
C GLY B 35 -6.47 -5.10 -14.53
N VAL B 36 -6.35 -5.09 -13.19
CA VAL B 36 -6.80 -4.00 -12.34
C VAL B 36 -5.61 -3.38 -11.61
N PHE B 37 -5.52 -2.04 -11.60
CA PHE B 37 -4.45 -1.37 -10.87
C PHE B 37 -5.00 -0.93 -9.51
N HIS B 38 -4.42 -1.41 -8.42
CA HIS B 38 -4.87 -1.09 -7.08
C HIS B 38 -3.87 -0.19 -6.37
N THR B 39 -4.27 1.02 -5.96
CA THR B 39 -3.35 1.88 -5.19
C THR B 39 -4.13 2.56 -4.02
N MET B 40 -3.49 3.49 -3.29
CA MET B 40 -4.15 4.23 -2.22
C MET B 40 -4.71 5.52 -2.82
N TRP B 41 -5.90 5.92 -2.38
CA TRP B 41 -6.57 7.11 -2.89
CA TRP B 41 -6.57 7.11 -2.89
C TRP B 41 -5.73 8.40 -2.82
N HIS B 42 -5.05 8.63 -1.70
CA HIS B 42 -4.27 9.86 -1.52
C HIS B 42 -3.06 10.00 -2.47
N VAL B 43 -2.77 8.96 -3.25
CA VAL B 43 -1.65 8.96 -4.19
C VAL B 43 -2.11 9.59 -5.49
N THR B 44 -3.27 9.14 -6.02
CA THR B 44 -3.74 9.67 -7.28
C THR B 44 -4.85 10.71 -7.17
N LYS B 45 -5.56 10.74 -6.04
CA LYS B 45 -6.75 11.55 -5.78
C LYS B 45 -7.91 11.19 -6.74
N GLY B 46 -7.88 9.98 -7.28
CA GLY B 46 -8.86 9.52 -8.26
C GLY B 46 -8.57 9.97 -9.67
N ALA B 47 -7.41 10.61 -9.93
CA ALA B 47 -7.07 11.07 -11.29
C ALA B 47 -6.64 9.91 -12.18
N ALA B 48 -6.89 10.06 -13.50
CA ALA B 48 -6.53 9.08 -14.52
C ALA B 48 -5.03 8.87 -14.57
N LEU B 49 -4.60 7.67 -14.94
CA LEU B 49 -3.18 7.32 -15.01
C LEU B 49 -2.76 6.99 -16.44
N ARG B 50 -1.46 7.04 -16.71
CA ARG B 50 -0.93 6.73 -18.03
C ARG B 50 0.00 5.54 -17.91
N SER B 51 -0.07 4.59 -18.85
CA SER B 51 0.81 3.43 -18.83
C SER B 51 1.40 3.28 -20.21
N GLY B 52 2.43 4.07 -20.49
CA GLY B 52 3.04 4.10 -21.81
C GLY B 52 2.14 4.93 -22.69
N GLU B 53 1.56 4.29 -23.72
CA GLU B 53 0.62 4.99 -24.59
C GLU B 53 -0.86 4.79 -24.18
N GLY B 54 -1.13 3.86 -23.26
CA GLY B 54 -2.48 3.56 -22.79
C GLY B 54 -2.91 4.39 -21.60
N ARG B 55 -4.22 4.35 -21.30
CA ARG B 55 -4.79 5.15 -20.21
C ARG B 55 -5.58 4.29 -19.21
N LEU B 56 -5.40 4.56 -17.93
CA LEU B 56 -6.10 3.84 -16.89
C LEU B 56 -7.08 4.80 -16.25
N ASP B 57 -8.36 4.50 -16.37
CA ASP B 57 -9.41 5.32 -15.78
C ASP B 57 -9.88 4.68 -14.48
N PRO B 58 -10.16 5.48 -13.42
CA PRO B 58 -10.61 4.88 -12.16
C PRO B 58 -11.95 4.14 -12.29
N TYR B 59 -12.18 3.15 -11.45
CA TYR B 59 -13.40 2.37 -11.50
C TYR B 59 -14.15 2.40 -10.17
N TRP B 60 -13.43 2.29 -9.07
CA TRP B 60 -14.01 2.30 -7.73
C TRP B 60 -13.05 3.08 -6.82
N GLY B 61 -13.58 3.86 -5.90
CA GLY B 61 -12.75 4.64 -4.99
C GLY B 61 -13.48 4.99 -3.71
N ASP B 62 -12.72 5.24 -2.65
CA ASP B 62 -13.30 5.58 -1.35
C ASP B 62 -12.26 6.30 -0.49
N VAL B 63 -12.51 7.55 -0.12
CA VAL B 63 -11.62 8.36 0.71
C VAL B 63 -11.44 7.80 2.12
N LYS B 64 -12.51 7.29 2.77
CA LYS B 64 -12.33 6.73 4.14
C LYS B 64 -11.49 5.47 4.14
N GLN B 65 -11.73 4.55 3.21
CA GLN B 65 -10.91 3.34 3.09
C GLN B 65 -9.49 3.69 2.56
N ASP B 66 -9.36 4.84 1.86
CA ASP B 66 -8.15 5.34 1.21
C ASP B 66 -7.68 4.31 0.20
N LEU B 67 -8.61 3.81 -0.61
CA LEU B 67 -8.30 2.82 -1.63
C LEU B 67 -8.87 3.26 -2.97
N VAL B 68 -8.32 2.76 -4.09
CA VAL B 68 -8.83 3.10 -5.43
C VAL B 68 -8.42 2.01 -6.45
N SER B 69 -9.30 1.65 -7.39
CA SER B 69 -8.96 0.64 -8.41
C SER B 69 -9.13 1.24 -9.83
N TYR B 70 -8.37 0.75 -10.81
CA TYR B 70 -8.37 1.28 -12.18
C TYR B 70 -8.66 0.13 -13.12
N CYS B 71 -9.55 0.34 -14.10
CA CYS B 71 -9.95 -0.64 -15.13
C CYS B 71 -11.00 -1.68 -14.65
N GLY B 72 -11.08 -1.93 -13.34
CA GLY B 72 -12.07 -2.87 -12.82
C GLY B 72 -12.25 -2.81 -11.34
N PRO B 73 -13.10 -3.69 -10.79
CA PRO B 73 -13.31 -3.68 -9.33
C PRO B 73 -12.10 -4.20 -8.55
N TRP B 74 -12.00 -3.86 -7.24
CA TRP B 74 -10.92 -4.34 -6.39
C TRP B 74 -10.84 -5.89 -6.44
N LYS B 75 -9.63 -6.43 -6.68
CA LYS B 75 -9.43 -7.87 -6.84
C LYS B 75 -8.70 -8.53 -5.68
N LEU B 76 -8.04 -7.74 -4.83
CA LEU B 76 -7.26 -8.26 -3.71
C LEU B 76 -8.18 -8.66 -2.56
N ASP B 77 -8.18 -9.93 -2.17
CA ASP B 77 -9.06 -10.42 -1.11
C ASP B 77 -8.36 -11.18 0.03
N ALA B 78 -7.02 -11.33 -0.01
CA ALA B 78 -6.32 -12.05 1.04
C ALA B 78 -6.26 -11.26 2.36
N ALA B 79 -6.20 -11.96 3.50
CA ALA B 79 -6.18 -11.29 4.80
C ALA B 79 -5.05 -11.76 5.72
N TRP B 80 -4.53 -10.87 6.58
CA TRP B 80 -3.54 -11.25 7.60
C TRP B 80 -4.23 -12.20 8.58
N ASP B 81 -3.55 -13.27 8.99
CA ASP B 81 -4.16 -14.28 9.86
C ASP B 81 -4.11 -13.96 11.36
N GLY B 82 -3.45 -12.87 11.74
CA GLY B 82 -3.29 -12.47 13.13
C GLY B 82 -2.12 -13.10 13.86
N LEU B 83 -1.45 -14.08 13.23
CA LEU B 83 -0.32 -14.75 13.88
C LEU B 83 0.97 -14.66 13.11
N SER B 84 0.92 -14.85 11.79
CA SER B 84 2.13 -14.97 10.99
C SER B 84 2.83 -13.68 10.68
N GLU B 85 4.15 -13.79 10.45
CA GLU B 85 4.94 -12.65 9.99
C GLU B 85 4.54 -12.40 8.54
N VAL B 86 4.74 -11.19 8.09
CA VAL B 86 4.38 -10.76 6.75
C VAL B 86 5.58 -10.06 6.10
N GLN B 87 5.50 -9.78 4.79
CA GLN B 87 6.56 -9.05 4.11
C GLN B 87 6.03 -7.80 3.45
N LEU B 88 6.66 -6.64 3.72
CA LEU B 88 6.30 -5.42 3.03
C LEU B 88 7.22 -5.37 1.80
N LEU B 89 6.64 -5.45 0.61
CA LEU B 89 7.42 -5.30 -0.61
C LEU B 89 7.53 -3.78 -0.79
N ALA B 90 8.47 -3.17 -0.06
CA ALA B 90 8.68 -1.73 -0.09
C ALA B 90 9.29 -1.32 -1.43
N VAL B 91 8.67 -0.35 -2.12
CA VAL B 91 9.24 0.19 -3.36
C VAL B 91 9.52 1.67 -3.10
N PRO B 92 10.67 2.01 -2.49
CA PRO B 92 10.92 3.41 -2.13
C PRO B 92 11.39 4.30 -3.29
N PRO B 93 11.19 5.63 -3.21
CA PRO B 93 11.60 6.50 -4.33
C PRO B 93 13.07 6.43 -4.72
N GLY B 94 13.32 6.29 -6.02
CA GLY B 94 14.67 6.16 -6.60
C GLY B 94 15.45 4.93 -6.13
N GLU B 95 14.80 4.04 -5.38
CA GLU B 95 15.42 2.86 -4.82
C GLU B 95 14.71 1.62 -5.33
N ARG B 96 15.45 0.53 -5.49
CA ARG B 96 14.93 -0.74 -5.98
C ARG B 96 13.93 -1.36 -5.00
N ALA B 97 12.97 -2.17 -5.52
CA ALA B 97 11.98 -2.94 -4.76
C ALA B 97 12.71 -3.82 -3.75
N LYS B 98 12.12 -3.99 -2.56
CA LYS B 98 12.79 -4.71 -1.47
C LYS B 98 11.80 -5.36 -0.49
N ASN B 99 11.94 -6.66 -0.20
CA ASN B 99 11.07 -7.37 0.73
C ASN B 99 11.57 -7.22 2.15
N ILE B 100 10.79 -6.61 3.03
CA ILE B 100 11.18 -6.45 4.43
C ILE B 100 10.22 -7.27 5.27
N GLN B 101 10.70 -8.30 5.96
CA GLN B 101 9.84 -9.15 6.78
C GLN B 101 9.64 -8.55 8.17
N THR B 102 8.41 -8.63 8.70
CA THR B 102 8.08 -8.10 10.02
C THR B 102 6.89 -8.85 10.63
N LEU B 103 6.67 -8.72 11.97
CA LEU B 103 5.47 -9.26 12.59
C LEU B 103 4.63 -8.02 12.89
N PRO B 104 3.43 -7.91 12.31
CA PRO B 104 2.64 -6.69 12.52
C PRO B 104 2.02 -6.57 13.90
N GLY B 105 1.78 -5.34 14.29
CA GLY B 105 1.06 -4.99 15.51
C GLY B 105 -0.43 -4.85 15.23
N ILE B 106 -1.15 -4.23 16.15
CA ILE B 106 -2.60 -4.05 16.02
C ILE B 106 -2.99 -2.58 16.13
N PHE B 107 -3.91 -2.13 15.26
CA PHE B 107 -4.54 -0.83 15.32
C PHE B 107 -5.90 -1.16 15.92
N LYS B 108 -6.13 -0.88 17.21
CA LYS B 108 -7.40 -1.15 17.87
C LYS B 108 -8.36 0.01 17.61
N THR B 109 -9.50 -0.24 16.93
CA THR B 109 -10.48 0.82 16.61
C THR B 109 -11.85 0.56 17.26
N LYS B 110 -12.79 1.54 17.21
CA LYS B 110 -14.17 1.38 17.68
C LYS B 110 -14.97 0.37 16.84
N ASP B 111 -14.55 0.15 15.58
CA ASP B 111 -15.19 -0.80 14.69
C ASP B 111 -14.44 -2.12 14.53
N GLY B 112 -13.38 -2.34 15.30
CA GLY B 112 -12.62 -3.58 15.21
C GLY B 112 -11.12 -3.39 15.11
N ASP B 113 -10.36 -4.50 15.18
CA ASP B 113 -8.90 -4.46 15.09
C ASP B 113 -8.38 -4.62 13.63
N ILE B 114 -7.18 -4.09 13.36
CA ILE B 114 -6.56 -4.14 12.04
C ILE B 114 -5.07 -4.44 12.22
N GLY B 115 -4.48 -5.18 11.29
CA GLY B 115 -3.04 -5.43 11.33
C GLY B 115 -2.27 -4.14 11.07
N ALA B 116 -1.03 -4.03 11.56
CA ALA B 116 -0.27 -2.79 11.36
C ALA B 116 1.24 -2.98 11.26
N VAL B 117 1.82 -2.59 10.12
CA VAL B 117 3.26 -2.70 9.93
CA VAL B 117 3.25 -2.68 9.87
C VAL B 117 4.00 -1.47 10.50
N ALA B 118 5.01 -1.71 11.36
CA ALA B 118 5.74 -0.63 12.01
C ALA B 118 7.06 -0.26 11.33
N LEU B 119 7.12 -0.38 10.01
CA LEU B 119 8.31 -0.05 9.25
C LEU B 119 8.15 1.39 8.76
N ASP B 120 9.17 2.24 8.94
CA ASP B 120 9.08 3.64 8.50
C ASP B 120 9.69 3.82 7.13
N TYR B 121 8.98 4.50 6.21
CA TYR B 121 9.40 4.76 4.83
C TYR B 121 8.91 6.13 4.36
N PRO B 122 9.52 6.72 3.31
CA PRO B 122 9.02 8.01 2.81
C PRO B 122 7.59 7.89 2.29
N ALA B 123 6.86 9.02 2.29
CA ALA B 123 5.46 9.02 1.83
C ALA B 123 5.26 8.48 0.41
N GLY B 124 6.23 8.67 -0.48
CA GLY B 124 6.22 8.16 -1.85
C GLY B 124 6.20 6.64 -1.95
N THR B 125 6.41 5.93 -0.82
CA THR B 125 6.35 4.46 -0.76
C THR B 125 4.87 3.97 -0.70
N SER B 126 3.90 4.89 -0.39
CA SER B 126 2.46 4.63 -0.26
C SER B 126 1.90 3.82 -1.41
N GLY B 127 1.26 2.71 -1.10
CA GLY B 127 0.70 1.82 -2.10
C GLY B 127 1.46 0.52 -2.20
N SER B 128 2.60 0.39 -1.51
CA SER B 128 3.42 -0.81 -1.52
C SER B 128 2.67 -1.99 -0.89
N PRO B 129 2.66 -3.15 -1.59
CA PRO B 129 1.94 -4.30 -1.08
C PRO B 129 2.58 -5.04 0.09
N ILE B 130 1.76 -5.49 1.00
CA ILE B 130 2.13 -6.29 2.13
C ILE B 130 1.68 -7.70 1.75
N LEU B 131 2.60 -8.68 1.84
CA LEU B 131 2.38 -10.02 1.36
C LEU B 131 2.39 -11.06 2.43
N ASP B 132 1.70 -12.18 2.19
CA ASP B 132 1.76 -13.32 3.08
C ASP B 132 2.78 -14.36 2.53
N LYS B 133 3.06 -15.42 3.29
CA LYS B 133 4.02 -16.47 2.93
C LYS B 133 3.66 -17.20 1.62
N CYS B 134 2.38 -17.15 1.21
CA CYS B 134 1.91 -17.72 -0.06
C CYS B 134 2.23 -16.81 -1.27
N GLY B 135 2.46 -15.53 -1.01
CA GLY B 135 2.74 -14.53 -2.04
C GLY B 135 1.54 -13.62 -2.33
N ARG B 136 0.44 -13.80 -1.58
CA ARG B 136 -0.80 -13.06 -1.75
C ARG B 136 -0.77 -11.72 -1.09
N VAL B 137 -1.30 -10.69 -1.77
CA VAL B 137 -1.37 -9.34 -1.24
C VAL B 137 -2.51 -9.27 -0.22
N ILE B 138 -2.15 -9.06 1.05
CA ILE B 138 -3.08 -8.99 2.17
C ILE B 138 -3.51 -7.53 2.54
N GLY B 139 -2.89 -6.54 1.90
CA GLY B 139 -3.19 -5.13 2.14
C GLY B 139 -2.15 -4.18 1.53
N LEU B 140 -2.34 -2.86 1.70
CA LEU B 140 -1.42 -1.84 1.16
C LEU B 140 -0.87 -0.96 2.26
N TYR B 141 0.36 -0.50 2.08
CA TYR B 141 1.09 0.32 3.05
C TYR B 141 0.93 1.79 2.69
N GLY B 142 0.70 2.65 3.66
CA GLY B 142 0.58 4.08 3.39
C GLY B 142 -0.46 4.85 4.20
N ASN B 143 -1.24 4.15 5.04
CA ASN B 143 -2.21 4.85 5.88
C ASN B 143 -2.15 4.42 7.32
N GLY B 144 -1.55 5.26 8.13
CA GLY B 144 -1.44 4.99 9.55
C GLY B 144 -1.24 6.23 10.37
N VAL B 145 -0.33 6.14 11.33
CA VAL B 145 -0.13 7.21 12.29
C VAL B 145 1.36 7.52 12.59
N VAL B 146 1.61 8.67 13.22
CA VAL B 146 2.93 9.08 13.64
C VAL B 146 2.94 8.89 15.15
N ILE B 147 3.85 8.06 15.66
CA ILE B 147 3.89 7.73 17.07
C ILE B 147 4.78 8.71 17.89
N LYS B 148 4.83 8.53 19.24
CA LYS B 148 5.59 9.37 20.19
C LYS B 148 7.01 9.72 19.76
N ASN B 149 7.64 8.83 19.01
CA ASN B 149 9.01 8.99 18.54
C ASN B 149 9.16 9.54 17.12
N GLY B 150 8.06 9.96 16.50
CA GLY B 150 8.06 10.54 15.16
C GLY B 150 7.96 9.57 14.01
N SER B 151 8.21 8.26 14.27
CA SER B 151 8.16 7.22 13.24
CA SER B 151 8.16 7.23 13.23
C SER B 151 6.73 6.93 12.75
N TYR B 152 6.60 6.25 11.60
CA TYR B 152 5.32 5.91 10.99
C TYR B 152 4.93 4.46 11.20
N VAL B 153 3.69 4.22 11.60
CA VAL B 153 3.16 2.87 11.72
C VAL B 153 1.94 2.84 10.81
N SER B 154 1.97 2.03 9.77
CA SER B 154 0.90 1.97 8.79
C SER B 154 -0.01 0.80 9.03
N ALA B 155 -1.30 0.99 8.76
CA ALA B 155 -2.26 -0.10 8.84
C ALA B 155 -2.07 -1.03 7.62
N ILE B 156 -2.61 -2.26 7.71
CA ILE B 156 -2.61 -3.15 6.57
C ILE B 156 -4.01 -2.91 5.97
N THR B 157 -4.09 -2.04 4.93
CA THR B 157 -5.36 -1.63 4.32
C THR B 157 -5.78 -2.52 3.16
N GLN B 158 -6.86 -3.28 3.36
CA GLN B 158 -7.38 -4.19 2.35
C GLN B 158 -8.82 -3.80 1.91
N GLY B 159 -9.10 -3.97 0.62
CA GLY B 159 -10.42 -3.69 0.08
C GLY B 159 -11.37 -4.87 0.20
N LYS B 160 -12.48 -4.80 -0.53
CA LYS B 160 -13.49 -5.85 -0.54
C LYS B 160 -13.72 -6.33 -1.99
N ARG B 161 -13.67 -7.65 -2.20
CA ARG B 161 -13.87 -8.23 -3.53
C ARG B 161 -15.35 -8.63 -3.67
N GLU B 162 -16.03 -8.17 -4.72
CA GLU B 162 -17.45 -8.49 -4.92
C GLU B 162 -17.67 -9.63 -5.91
S DMS C . -9.05 14.76 -10.15
O DMS C . -9.67 13.39 -10.21
C1 DMS C . -8.10 15.05 -11.66
C2 DMS C . -7.59 14.70 -9.05
N1 A1B9F D . 0.04 9.03 4.31
N3 A1B9F D . 5.45 8.89 6.60
C4 A1B9F D . -2.45 11.50 3.09
C5 A1B9F D . -3.63 10.82 3.39
C6 A1B9F D . -3.60 9.55 3.94
C7 A1B9F D . -2.40 8.96 4.29
C8 A1B9F D . -5.01 9.05 4.12
C10 A1B9F D . 2.42 8.79 4.69
C13 A1B9F D . 4.68 7.10 5.04
C15 A1B9F D . 3.78 10.24 6.42
O1 A1B9F D . 1.33 10.87 4.63
C1 A1B9F D . 1.21 9.66 4.52
C2 A1B9F D . -1.21 9.63 3.97
C3 A1B9F D . -1.23 10.89 3.40
N2 A1B9F D . -5.77 10.30 4.03
C9 A1B9F D . -5.05 11.23 3.14
C11 A1B9F D . 2.51 7.55 4.06
C12 A1B9F D . 3.64 6.77 4.21
F1 A1B9F D . 3.71 5.58 3.54
C14 A1B9F D . 4.62 8.31 5.71
N4 A1B9F D . 4.95 10.10 7.02
C16 A1B9F D . 3.50 9.15 5.57
#